data_6ITY
#
_entry.id   6ITY
#
_cell.length_a   45.302
_cell.length_b   106.394
_cell.length_c   47.549
_cell.angle_alpha   90.00
_cell.angle_beta   100.81
_cell.angle_gamma   90.00
#
_symmetry.space_group_name_H-M   'P 1 21 1'
#
loop_
_entity.id
_entity.type
_entity.pdbx_description
1 polymer Beta-lactamase
2 non-polymer 'TRANS-ENAMINE INTERMEDIATE OF SULBACTAM'
3 non-polymer 'ACRYLIC ACID'
4 water water
#
_entity_poly.entity_id   1
_entity_poly.type   'polypeptide(L)'
_entity_poly.pdbx_seq_one_letter_code
;GSHMASGGTELQTADVQQKLAELERQSGGRLGVALINTADNSQILYRADERFPMCSTSKVMAAAAVLKQSETQKQLLNQP
VEIKPADLVNYNPIAEKHVNGTMTLAELSAAALQYSDNTAMNKLIAQLGGPGGVTAFARAIGDETFRLDRTEPTLNTAIP
GDPRDTTTPRAMAQTLRQLTLGHALGETQRAQLVTWLKGNTTGAASIRAGLPASWVVGDKTGSGGYGTTNDIAVIWPKDR
APLILVTYFTQPQPKAESRRDVLASAAKIVTDGL
;
_entity_poly.pdbx_strand_id   A,B
#
# COMPACT_ATOMS: atom_id res chain seq x y z
N ALA A 14 27.11 16.39 -0.33
CA ALA A 14 27.83 17.25 0.57
C ALA A 14 27.38 16.88 1.97
N ASP A 15 26.47 17.69 2.45
CA ASP A 15 25.76 17.45 3.64
C ASP A 15 25.07 16.08 3.49
N VAL A 16 24.51 15.85 2.30
CA VAL A 16 23.68 14.65 2.06
C VAL A 16 24.53 13.41 1.92
N GLN A 17 25.66 13.57 1.20
CA GLN A 17 26.60 12.44 0.98
C GLN A 17 27.13 11.96 2.34
N GLN A 18 27.39 12.91 3.25
CA GLN A 18 27.89 12.57 4.61
C GLN A 18 26.77 11.88 5.40
N LYS A 19 25.56 12.43 5.34
CA LYS A 19 24.41 11.85 6.04
C LYS A 19 24.13 10.43 5.58
N LEU A 20 24.29 10.18 4.26
CA LEU A 20 24.04 8.87 3.68
C LEU A 20 25.05 7.87 4.20
N ALA A 21 26.29 8.29 4.21
CA ALA A 21 27.38 7.52 4.79
C ALA A 21 27.11 7.22 6.25
N GLU A 22 26.71 8.21 7.02
CA GLU A 22 26.30 7.96 8.45
C GLU A 22 25.16 6.92 8.58
N LEU A 23 24.19 7.02 7.67
CA LEU A 23 23.05 6.12 7.71
C LEU A 23 23.58 4.71 7.37
N GLU A 24 24.35 4.62 6.29
CA GLU A 24 24.86 3.32 5.94
C GLU A 24 25.73 2.76 7.02
N ARG A 25 26.54 3.64 7.64
CA ARG A 25 27.49 3.27 8.71
C ARG A 25 26.74 2.58 9.85
N GLN A 26 25.55 3.07 10.19
CA GLN A 26 24.79 2.45 11.28
C GLN A 26 23.86 1.30 10.88
N SER A 27 23.70 1.05 9.57
CA SER A 27 22.67 0.14 9.09
C SER A 27 23.06 -1.36 9.14
N GLY A 28 24.34 -1.68 9.21
CA GLY A 28 24.76 -3.07 9.03
C GLY A 28 24.78 -3.57 7.59
N GLY A 29 24.67 -2.67 6.61
CA GLY A 29 24.65 -3.14 5.23
C GLY A 29 25.24 -2.15 4.26
N ARG A 30 24.96 -2.41 2.99
CA ARG A 30 25.37 -1.56 1.85
C ARG A 30 24.15 -0.89 1.18
N LEU A 31 24.21 0.45 1.06
CA LEU A 31 23.15 1.32 0.57
C LEU A 31 23.50 1.93 -0.79
N GLY A 32 22.57 1.78 -1.77
CA GLY A 32 22.68 2.39 -3.06
C GLY A 32 21.56 3.40 -3.26
N VAL A 33 21.85 4.65 -3.61
CA VAL A 33 20.81 5.66 -3.87
C VAL A 33 21.00 6.40 -5.18
N ALA A 34 19.91 6.61 -5.90
CA ALA A 34 19.95 7.50 -7.02
C ALA A 34 18.64 8.29 -7.12
N LEU A 35 18.77 9.60 -7.02
CA LEU A 35 17.63 10.52 -7.11
C LEU A 35 17.79 11.34 -8.34
N ILE A 36 16.73 11.51 -9.14
CA ILE A 36 16.73 12.43 -10.26
C ILE A 36 15.61 13.42 -9.99
N ASN A 37 15.95 14.70 -10.00
CA ASN A 37 14.97 15.72 -9.81
C ASN A 37 14.73 16.28 -11.19
N THR A 38 13.55 16.02 -11.73
CA THR A 38 13.23 16.45 -13.10
C THR A 38 12.90 17.95 -13.18
N ALA A 39 12.87 18.68 -12.06
CA ALA A 39 12.77 20.15 -12.15
C ALA A 39 14.01 20.68 -12.85
N ASP A 40 15.19 20.12 -12.56
CA ASP A 40 16.42 20.61 -13.16
C ASP A 40 17.40 19.50 -13.59
N ASN A 41 16.92 18.27 -13.68
CA ASN A 41 17.74 17.10 -13.92
C ASN A 41 18.94 16.99 -12.96
N SER A 42 18.87 17.52 -11.74
CA SER A 42 19.97 17.25 -10.78
C SER A 42 19.88 15.78 -10.29
N GLN A 43 20.99 15.26 -9.80
CA GLN A 43 21.02 13.95 -9.21
C GLN A 43 21.61 13.99 -7.82
N ILE A 44 21.24 13.03 -7.01
CA ILE A 44 21.93 12.74 -5.80
C ILE A 44 22.29 11.23 -5.98
N LEU A 45 23.56 10.89 -5.90
CA LEU A 45 24.06 9.54 -6.10
C LEU A 45 24.88 8.96 -4.95
N TYR A 46 24.70 7.69 -4.58
CA TYR A 46 25.45 7.10 -3.52
C TYR A 46 25.61 5.62 -3.84
N ARG A 47 26.84 5.17 -4.11
CA ARG A 47 27.09 3.85 -4.67
C ARG A 47 26.23 3.60 -5.92
N ALA A 48 25.91 4.68 -6.64
CA ALA A 48 24.94 4.59 -7.70
C ALA A 48 25.45 3.82 -8.93
N ASP A 49 26.79 3.53 -9.03
CA ASP A 49 27.28 2.65 -10.11
C ASP A 49 27.71 1.32 -9.55
N GLU A 50 27.32 1.00 -8.34
CA GLU A 50 27.54 -0.37 -7.86
C GLU A 50 26.33 -1.21 -8.20
N ARG A 51 26.54 -2.49 -8.43
CA ARG A 51 25.44 -3.41 -8.63
C ARG A 51 24.82 -3.83 -7.33
N PHE A 52 23.51 -4.03 -7.42
CA PHE A 52 22.69 -4.54 -6.32
C PHE A 52 21.72 -5.55 -6.87
N PRO A 53 21.36 -6.51 -6.05
CA PRO A 53 20.30 -7.36 -6.56
C PRO A 53 18.91 -6.68 -6.55
N MET A 54 18.19 -6.78 -7.68
CA MET A 54 16.95 -6.09 -7.85
C MET A 54 15.78 -6.64 -7.05
N CYS A 55 15.74 -7.97 -6.88
CA CYS A 55 14.59 -8.70 -6.44
C CYS A 55 13.35 -8.27 -7.21
N SER A 56 12.23 -8.03 -6.53
CA SER A 56 11.00 -7.70 -7.21
C SER A 56 10.97 -6.32 -7.84
N THR A 57 11.94 -5.44 -7.62
CA THR A 57 11.93 -4.16 -8.40
C THR A 57 12.09 -4.46 -9.92
N SER A 58 12.52 -5.71 -10.26
CA SER A 58 12.63 -6.17 -11.67
C SER A 58 11.26 -6.36 -12.35
N LYS A 59 10.22 -6.48 -11.52
CA LYS A 59 8.87 -6.59 -12.04
C LYS A 59 8.40 -5.40 -12.88
N VAL A 60 8.91 -4.20 -12.57
CA VAL A 60 8.61 -3.04 -13.37
C VAL A 60 9.08 -3.25 -14.81
N MET A 61 10.32 -3.65 -15.01
CA MET A 61 10.81 -3.88 -16.37
C MET A 61 9.99 -4.92 -17.18
N ALA A 62 9.54 -6.00 -16.52
CA ALA A 62 8.71 -7.00 -17.16
C ALA A 62 7.31 -6.50 -17.53
N ALA A 63 6.67 -5.77 -16.63
CA ALA A 63 5.35 -5.21 -16.92
C ALA A 63 5.46 -4.18 -18.03
N ALA A 64 6.49 -3.36 -17.97
CA ALA A 64 6.76 -2.35 -18.99
C ALA A 64 7.03 -2.99 -20.35
N ALA A 65 7.73 -4.13 -20.36
CA ALA A 65 7.96 -4.89 -21.61
C ALA A 65 6.65 -5.42 -22.22
N VAL A 66 5.77 -5.92 -21.35
CA VAL A 66 4.48 -6.37 -21.77
C VAL A 66 3.62 -5.23 -22.29
N LEU A 67 3.62 -4.11 -21.60
CA LEU A 67 2.99 -2.88 -22.14
C LEU A 67 3.49 -2.51 -23.51
N LYS A 68 4.79 -2.60 -23.71
CA LYS A 68 5.36 -2.31 -25.01
C LYS A 68 4.84 -3.24 -26.05
N GLN A 69 4.83 -4.56 -25.77
CA GLN A 69 4.18 -5.55 -26.63
C GLN A 69 2.73 -5.20 -27.02
N SER A 70 1.98 -4.75 -26.01
CA SER A 70 0.58 -4.35 -26.18
C SER A 70 0.37 -3.15 -27.12
N GLU A 71 1.43 -2.41 -27.44
CA GLU A 71 1.36 -1.35 -28.45
C GLU A 71 1.12 -1.87 -29.88
N THR A 72 1.54 -3.10 -30.17
CA THR A 72 1.41 -3.67 -31.50
C THR A 72 0.45 -4.91 -31.55
N GLN A 73 0.28 -5.64 -30.44
CA GLN A 73 -0.69 -6.71 -30.36
C GLN A 73 -1.83 -6.12 -29.56
N LYS A 74 -2.82 -5.61 -30.26
CA LYS A 74 -3.55 -4.56 -29.56
C LYS A 74 -4.64 -4.97 -28.59
N GLN A 75 -5.01 -6.24 -28.51
CA GLN A 75 -5.79 -6.64 -27.33
C GLN A 75 -4.97 -7.49 -26.34
N LEU A 76 -3.65 -7.47 -26.47
CA LEU A 76 -2.75 -8.35 -25.68
C LEU A 76 -3.12 -8.43 -24.20
N LEU A 77 -3.38 -7.29 -23.57
CA LEU A 77 -3.71 -7.23 -22.12
C LEU A 77 -4.96 -7.96 -21.72
N ASN A 78 -5.85 -8.22 -22.67
CA ASN A 78 -7.04 -9.06 -22.41
C ASN A 78 -6.78 -10.55 -22.54
N GLN A 79 -5.59 -10.94 -22.97
CA GLN A 79 -5.32 -12.33 -23.31
C GLN A 79 -5.30 -13.17 -22.01
N PRO A 80 -6.15 -14.20 -21.88
CA PRO A 80 -6.07 -15.16 -20.75
C PRO A 80 -4.80 -16.04 -20.76
N VAL A 81 -4.26 -16.30 -19.57
CA VAL A 81 -3.12 -17.19 -19.39
C VAL A 81 -3.57 -18.20 -18.34
N GLU A 82 -3.34 -19.49 -18.61
CA GLU A 82 -3.68 -20.56 -17.68
C GLU A 82 -2.74 -20.60 -16.50
N ILE A 83 -3.32 -20.77 -15.32
CA ILE A 83 -2.52 -20.94 -14.13
C ILE A 83 -2.70 -22.39 -13.66
N LYS A 84 -1.63 -23.18 -13.61
CA LYS A 84 -1.71 -24.57 -13.15
C LYS A 84 -1.13 -24.72 -11.76
N PRO A 85 -1.52 -25.82 -11.03
CA PRO A 85 -0.94 -25.98 -9.70
C PRO A 85 0.56 -25.98 -9.72
N ALA A 86 1.16 -26.58 -10.76
CA ALA A 86 2.63 -26.59 -10.85
C ALA A 86 3.22 -25.22 -11.08
N ASP A 87 2.46 -24.22 -11.50
CA ASP A 87 3.00 -22.85 -11.64
C ASP A 87 3.28 -22.09 -10.35
N LEU A 88 2.59 -22.49 -9.27
CA LEU A 88 2.64 -21.73 -8.04
C LEU A 88 4.04 -21.76 -7.49
N VAL A 89 4.56 -20.59 -7.12
CA VAL A 89 5.95 -20.47 -6.59
C VAL A 89 5.93 -20.50 -5.06
N ASN A 90 6.30 -19.38 -4.43
CA ASN A 90 6.35 -19.31 -2.95
C ASN A 90 5.41 -18.21 -2.44
N TYR A 91 5.10 -17.21 -3.26
CA TYR A 91 4.20 -16.14 -2.80
C TYR A 91 3.29 -15.68 -3.94
N ASN A 92 2.07 -16.22 -3.95
CA ASN A 92 1.10 -15.91 -5.04
C ASN A 92 -0.25 -15.56 -4.42
N PRO A 93 -0.39 -14.34 -3.83
CA PRO A 93 -1.62 -13.96 -3.20
C PRO A 93 -2.77 -13.89 -4.22
N ILE A 94 -2.44 -13.52 -5.45
CA ILE A 94 -3.48 -13.43 -6.47
C ILE A 94 -3.60 -14.72 -7.29
N ALA A 95 -2.47 -15.24 -7.76
CA ALA A 95 -2.47 -16.38 -8.69
C ALA A 95 -3.14 -17.61 -8.09
N GLU A 96 -3.05 -17.80 -6.79
CA GLU A 96 -3.54 -19.02 -6.16
C GLU A 96 -5.08 -19.19 -6.21
N LYS A 97 -5.80 -18.09 -6.33
CA LYS A 97 -7.26 -18.11 -6.45
C LYS A 97 -7.73 -18.55 -7.84
N HIS A 98 -6.79 -18.58 -8.81
CA HIS A 98 -7.08 -18.85 -10.20
C HIS A 98 -6.40 -20.13 -10.68
N VAL A 99 -5.80 -20.89 -9.78
CA VAL A 99 -5.25 -22.20 -10.13
C VAL A 99 -6.36 -23.06 -10.73
N ASN A 100 -6.00 -23.75 -11.80
CA ASN A 100 -6.93 -24.46 -12.71
C ASN A 100 -7.87 -23.49 -13.41
N GLY A 101 -7.45 -22.25 -13.58
CA GLY A 101 -8.26 -21.21 -14.24
C GLY A 101 -7.29 -20.36 -15.04
N THR A 102 -7.59 -19.05 -15.12
CA THR A 102 -6.79 -18.13 -15.90
C THR A 102 -6.82 -16.74 -15.30
N MET A 103 -5.86 -15.96 -15.79
CA MET A 103 -5.71 -14.55 -15.49
C MET A 103 -5.36 -13.85 -16.78
N THR A 104 -5.83 -12.62 -16.94
CA THR A 104 -5.38 -11.84 -18.12
C THR A 104 -4.00 -11.25 -17.93
N LEU A 105 -3.36 -10.89 -19.03
CA LEU A 105 -2.08 -10.23 -18.97
C LEU A 105 -2.16 -8.93 -18.18
N ALA A 106 -3.29 -8.22 -18.29
CA ALA A 106 -3.52 -7.00 -17.48
C ALA A 106 -3.54 -7.38 -15.99
N GLU A 107 -4.21 -8.51 -15.70
CA GLU A 107 -4.33 -8.95 -14.29
C GLU A 107 -3.03 -9.46 -13.74
N LEU A 108 -2.26 -10.15 -14.56
CA LEU A 108 -0.93 -10.62 -14.17
C LEU A 108 -0.01 -9.42 -13.90
N SER A 109 -0.12 -8.43 -14.76
CA SER A 109 0.62 -7.16 -14.58
C SER A 109 0.35 -6.46 -13.26
N ALA A 110 -0.91 -6.24 -12.95
CA ALA A 110 -1.32 -5.66 -11.68
C ALA A 110 -0.91 -6.45 -10.49
N ALA A 111 -1.06 -7.77 -10.54
CA ALA A 111 -0.72 -8.69 -9.47
C ALA A 111 0.77 -8.68 -9.16
N ALA A 112 1.57 -8.71 -10.22
CA ALA A 112 3.03 -8.62 -10.05
C ALA A 112 3.46 -7.24 -9.50
N LEU A 113 2.86 -6.15 -10.01
CA LEU A 113 3.27 -4.79 -9.52
C LEU A 113 2.76 -4.40 -8.11
N GLN A 114 1.44 -4.53 -7.93
CA GLN A 114 0.75 -4.07 -6.76
C GLN A 114 0.74 -4.97 -5.56
N TYR A 115 0.82 -6.28 -5.81
CA TYR A 115 0.83 -7.30 -4.78
C TYR A 115 2.14 -8.08 -4.73
N SER A 116 3.00 -7.91 -5.73
CA SER A 116 4.32 -8.60 -5.77
C SER A 116 4.16 -10.11 -5.97
N ASP A 117 3.06 -10.53 -6.61
CA ASP A 117 2.77 -11.92 -6.89
C ASP A 117 3.87 -12.48 -7.82
N ASN A 118 4.59 -13.44 -7.28
CA ASN A 118 5.66 -14.12 -7.99
C ASN A 118 5.28 -15.09 -9.08
N THR A 119 4.11 -15.71 -9.00
CA THR A 119 3.61 -16.55 -10.11
C THR A 119 3.23 -15.61 -11.26
N ALA A 120 2.67 -14.47 -10.91
CA ALA A 120 2.35 -13.45 -11.90
C ALA A 120 3.58 -13.01 -12.66
N MET A 121 4.65 -12.69 -11.94
CA MET A 121 5.91 -12.34 -12.58
C MET A 121 6.42 -13.43 -13.53
N ASN A 122 6.40 -14.69 -13.12
CA ASN A 122 6.79 -15.78 -14.01
C ASN A 122 5.99 -15.86 -15.30
N LYS A 123 4.67 -15.60 -15.25
CA LYS A 123 3.90 -15.50 -16.48
C LYS A 123 4.30 -14.32 -17.38
N LEU A 124 4.66 -13.16 -16.76
CA LEU A 124 5.17 -12.01 -17.56
C LEU A 124 6.53 -12.34 -18.24
N ILE A 125 7.40 -12.98 -17.47
CA ILE A 125 8.69 -13.45 -18.00
C ILE A 125 8.48 -14.42 -19.17
N ALA A 126 7.54 -15.33 -19.02
CA ALA A 126 7.38 -16.35 -20.05
C ALA A 126 6.72 -15.70 -21.31
N GLN A 127 5.86 -14.71 -21.11
CA GLN A 127 5.29 -13.93 -22.24
C GLN A 127 6.38 -13.15 -23.00
N LEU A 128 7.50 -12.91 -22.32
CA LEU A 128 8.60 -12.18 -22.94
C LEU A 128 9.72 -13.06 -23.52
N GLY A 129 9.54 -14.37 -23.47
CA GLY A 129 10.56 -15.35 -23.92
C GLY A 129 11.62 -15.72 -22.92
N GLY A 130 11.34 -15.56 -21.63
CA GLY A 130 12.36 -15.86 -20.63
C GLY A 130 13.07 -14.63 -20.07
N PRO A 131 13.89 -14.85 -19.03
CA PRO A 131 14.58 -13.73 -18.39
C PRO A 131 15.36 -12.91 -19.44
N GLY A 132 16.00 -13.61 -20.37
CA GLY A 132 16.61 -12.97 -21.51
C GLY A 132 15.78 -11.95 -22.27
N GLY A 133 14.46 -12.19 -22.43
CA GLY A 133 13.60 -11.31 -23.21
C GLY A 133 13.34 -10.06 -22.42
N VAL A 134 13.35 -10.18 -21.10
CA VAL A 134 13.21 -8.96 -20.30
C VAL A 134 14.44 -8.05 -20.42
N THR A 135 15.60 -8.67 -20.34
CA THR A 135 16.85 -7.96 -20.58
C THR A 135 16.88 -7.32 -22.00
N ALA A 136 16.42 -8.08 -22.99
CA ALA A 136 16.39 -7.52 -24.35
C ALA A 136 15.56 -6.24 -24.46
N PHE A 137 14.46 -6.20 -23.70
CA PHE A 137 13.64 -5.02 -23.69
C PHE A 137 14.36 -3.84 -23.00
N ALA A 138 15.01 -4.08 -21.85
CA ALA A 138 15.87 -3.09 -21.22
C ALA A 138 16.88 -2.51 -22.18
N ARG A 139 17.52 -3.40 -22.92
CA ARG A 139 18.47 -2.95 -23.93
C ARG A 139 17.83 -2.14 -25.02
N ALA A 140 16.62 -2.50 -25.47
CA ALA A 140 15.93 -1.71 -26.48
C ALA A 140 15.57 -0.30 -26.00
N ILE A 141 15.40 -0.07 -24.70
CA ILE A 141 15.15 1.29 -24.25
C ILE A 141 16.43 1.99 -23.76
N GLY A 142 17.61 1.46 -24.09
CA GLY A 142 18.86 2.13 -23.77
C GLY A 142 19.40 1.84 -22.38
N ASP A 143 18.80 0.88 -21.68
CA ASP A 143 19.39 0.40 -20.45
C ASP A 143 20.39 -0.74 -20.77
N GLU A 144 21.69 -0.43 -20.65
CA GLU A 144 22.81 -1.37 -20.84
C GLU A 144 23.30 -2.04 -19.55
N THR A 145 22.68 -1.73 -18.42
CA THR A 145 23.13 -2.26 -17.14
C THR A 145 22.26 -3.40 -16.62
N PHE A 146 20.94 -3.22 -16.67
CA PHE A 146 19.99 -4.20 -16.21
C PHE A 146 20.30 -5.60 -16.77
N ARG A 147 20.21 -6.63 -15.94
CA ARG A 147 20.20 -8.05 -16.42
C ARG A 147 19.25 -8.88 -15.58
N LEU A 148 18.25 -9.49 -16.25
CA LEU A 148 17.46 -10.51 -15.64
C LEU A 148 17.96 -11.88 -16.15
N ASP A 149 18.28 -12.77 -15.20
CA ASP A 149 18.86 -14.09 -15.49
C ASP A 149 18.07 -15.31 -15.13
N ARG A 150 17.17 -15.18 -14.16
CA ARG A 150 16.39 -16.29 -13.59
C ARG A 150 14.92 -15.91 -13.37
N THR A 151 14.13 -16.93 -13.14
CA THR A 151 12.70 -16.81 -12.89
C THR A 151 12.48 -16.66 -11.37
N GLU A 152 11.22 -16.45 -10.96
CA GLU A 152 10.86 -16.49 -9.55
C GLU A 152 10.80 -17.95 -9.10
N PRO A 153 11.27 -18.28 -7.87
CA PRO A 153 11.72 -17.35 -6.88
C PRO A 153 13.25 -17.15 -6.84
N THR A 154 14.03 -17.90 -7.63
CA THR A 154 15.48 -17.85 -7.43
C THR A 154 16.13 -16.55 -7.82
N LEU A 155 15.39 -15.66 -8.48
CA LEU A 155 15.93 -14.33 -8.89
C LEU A 155 16.24 -13.48 -7.64
N ASN A 156 15.59 -13.77 -6.52
CA ASN A 156 15.78 -13.03 -5.26
C ASN A 156 16.82 -13.61 -4.27
N THR A 157 17.66 -14.57 -4.68
CA THR A 157 18.69 -15.14 -3.77
C THR A 157 19.63 -14.04 -3.22
N ALA A 158 20.00 -13.11 -4.10
CA ALA A 158 20.59 -11.83 -3.70
C ALA A 158 21.95 -12.01 -3.00
N ILE A 159 22.66 -13.06 -3.42
CA ILE A 159 23.96 -13.45 -2.84
C ILE A 159 24.96 -12.34 -3.16
N PRO A 160 25.77 -11.87 -2.15
CA PRO A 160 26.80 -10.86 -2.43
C PRO A 160 27.77 -11.32 -3.50
N GLY A 161 28.12 -10.40 -4.38
CA GLY A 161 29.07 -10.66 -5.44
C GLY A 161 28.47 -11.25 -6.70
N ASP A 162 27.28 -11.85 -6.64
CA ASP A 162 26.67 -12.45 -7.82
C ASP A 162 26.09 -11.40 -8.76
N PRO A 163 26.48 -11.43 -10.05
CA PRO A 163 25.92 -10.43 -10.97
C PRO A 163 24.51 -10.74 -11.49
N ARG A 164 24.04 -11.98 -11.31
CA ARG A 164 22.69 -12.36 -11.74
C ARG A 164 21.63 -11.46 -11.17
N ASP A 165 20.77 -10.96 -12.05
CA ASP A 165 19.51 -10.34 -11.66
C ASP A 165 19.79 -8.99 -10.91
N THR A 166 20.77 -8.25 -11.40
CA THR A 166 21.25 -7.05 -10.78
C THR A 166 21.09 -5.87 -11.72
N THR A 167 21.12 -4.66 -11.13
CA THR A 167 21.32 -3.43 -11.88
C THR A 167 22.02 -2.47 -10.96
N THR A 168 22.23 -1.22 -11.40
CA THR A 168 22.79 -0.18 -10.53
C THR A 168 21.76 0.90 -10.25
N PRO A 169 21.90 1.58 -9.11
CA PRO A 169 20.85 2.60 -8.82
C PRO A 169 20.70 3.63 -9.93
N ARG A 170 21.81 4.01 -10.53
CA ARG A 170 21.77 5.05 -11.58
C ARG A 170 21.05 4.56 -12.83
N ALA A 171 21.33 3.31 -13.27
CA ALA A 171 20.68 2.73 -14.43
C ALA A 171 19.18 2.61 -14.16
N MET A 172 18.80 2.20 -12.97
CA MET A 172 17.39 2.02 -12.68
C MET A 172 16.62 3.33 -12.55
N ALA A 173 17.23 4.36 -11.94
CA ALA A 173 16.64 5.68 -11.88
C ALA A 173 16.38 6.16 -13.31
N GLN A 174 17.38 6.03 -14.19
CA GLN A 174 17.24 6.54 -15.54
C GLN A 174 16.16 5.83 -16.32
N THR A 175 16.18 4.48 -16.30
CA THR A 175 15.16 3.70 -16.88
C THR A 175 13.78 4.02 -16.38
N LEU A 176 13.60 4.04 -15.06
CA LEU A 176 12.28 4.38 -14.47
C LEU A 176 11.71 5.75 -14.95
N ARG A 177 12.60 6.74 -15.03
CA ARG A 177 12.23 8.05 -15.57
C ARG A 177 11.69 7.91 -17.00
N GLN A 178 12.47 7.27 -17.87
CA GLN A 178 11.99 7.02 -19.26
C GLN A 178 10.68 6.26 -19.39
N LEU A 179 10.49 5.23 -18.58
CA LEU A 179 9.25 4.45 -18.61
C LEU A 179 8.05 5.29 -18.17
N THR A 180 8.21 6.03 -17.08
CA THR A 180 7.06 6.71 -16.40
C THR A 180 6.83 8.17 -16.77
N LEU A 181 7.88 8.89 -17.14
CA LEU A 181 7.77 10.31 -17.56
C LEU A 181 8.27 10.57 -18.98
N GLY A 182 8.96 9.61 -19.58
CA GLY A 182 9.50 9.76 -20.92
C GLY A 182 8.57 9.07 -21.91
N HIS A 183 9.16 8.78 -23.07
CA HIS A 183 8.47 8.17 -24.17
C HIS A 183 9.03 6.78 -24.49
N ALA A 184 9.54 6.03 -23.52
CA ALA A 184 9.89 4.63 -23.82
C ALA A 184 8.66 3.81 -24.25
N LEU A 185 7.51 4.10 -23.69
CA LEU A 185 6.25 3.46 -24.05
C LEU A 185 5.33 4.47 -24.76
N GLY A 186 4.34 3.99 -25.49
CA GLY A 186 3.24 4.89 -25.97
C GLY A 186 2.55 5.57 -24.78
N GLU A 187 1.84 6.67 -25.03
CA GLU A 187 1.23 7.46 -23.94
C GLU A 187 0.20 6.68 -23.04
N THR A 188 -0.66 5.87 -23.65
CA THR A 188 -1.63 5.07 -22.90
C THR A 188 -0.95 4.05 -22.03
N GLN A 189 0.13 3.48 -22.57
CA GLN A 189 0.88 2.45 -21.89
C GLN A 189 1.64 3.09 -20.73
N ARG A 190 2.17 4.28 -20.97
CA ARG A 190 2.87 5.05 -19.95
C ARG A 190 1.87 5.33 -18.83
N ALA A 191 0.71 5.91 -19.18
CA ALA A 191 -0.31 6.17 -18.14
C ALA A 191 -0.71 4.90 -17.37
N GLN A 192 -0.91 3.80 -18.08
CA GLN A 192 -1.24 2.49 -17.44
C GLN A 192 -0.19 2.08 -16.42
N LEU A 193 1.06 2.15 -16.79
CA LEU A 193 2.15 1.86 -15.85
C LEU A 193 2.10 2.72 -14.58
N VAL A 194 2.03 4.05 -14.78
CA VAL A 194 1.98 4.96 -13.68
C VAL A 194 0.76 4.65 -12.77
N THR A 195 -0.41 4.41 -13.38
CA THR A 195 -1.59 4.03 -12.60
C THR A 195 -1.31 2.77 -11.80
N TRP A 196 -0.74 1.74 -12.42
CA TRP A 196 -0.39 0.55 -11.61
C TRP A 196 0.59 0.86 -10.45
N LEU A 197 1.66 1.61 -10.72
CA LEU A 197 2.60 1.97 -9.66
C LEU A 197 1.92 2.75 -8.50
N LYS A 198 1.02 3.66 -8.87
CA LYS A 198 0.30 4.48 -7.89
C LYS A 198 -0.61 3.65 -6.96
N GLY A 199 -1.09 2.49 -7.46
CA GLY A 199 -1.89 1.57 -6.70
C GLY A 199 -1.18 0.42 -6.04
N ASN A 200 0.15 0.44 -6.01
CA ASN A 200 0.92 -0.45 -5.16
C ASN A 200 0.39 -0.52 -3.75
N THR A 201 0.29 -1.75 -3.22
CA THR A 201 -0.15 -1.99 -1.85
C THR A 201 0.99 -2.18 -0.87
N THR A 202 2.23 -2.36 -1.35
CA THR A 202 3.32 -2.80 -0.49
C THR A 202 4.33 -1.72 -0.08
N GLY A 203 4.11 -0.45 -0.44
CA GLY A 203 5.15 0.56 -0.30
C GLY A 203 5.17 1.54 0.86
N ALA A 204 4.13 1.56 1.70
CA ALA A 204 3.99 2.63 2.66
C ALA A 204 5.12 2.67 3.70
N ALA A 205 5.83 1.56 3.93
CA ALA A 205 6.93 1.58 4.93
C ALA A 205 8.31 1.87 4.33
N SER A 206 8.40 1.99 3.00
CA SER A 206 9.68 2.13 2.33
C SER A 206 9.95 3.62 1.96
N ILE A 207 10.19 3.95 0.70
CA ILE A 207 10.43 5.37 0.34
C ILE A 207 9.36 6.32 0.87
N ARG A 208 8.09 5.94 0.69
CA ARG A 208 6.91 6.69 1.15
C ARG A 208 7.03 7.13 2.59
N ALA A 209 7.48 6.22 3.45
CA ALA A 209 7.63 6.51 4.88
C ALA A 209 8.56 7.70 5.16
N GLY A 210 9.41 8.06 4.19
CA GLY A 210 10.37 9.09 4.35
C GLY A 210 9.96 10.45 3.85
N LEU A 211 8.80 10.57 3.22
CA LEU A 211 8.38 11.73 2.53
C LEU A 211 7.20 12.34 3.26
N PRO A 212 7.00 13.65 3.12
CA PRO A 212 5.81 14.24 3.68
C PRO A 212 4.56 13.50 3.20
N ALA A 213 3.57 13.41 4.07
CA ALA A 213 2.27 12.78 3.76
C ALA A 213 1.51 13.38 2.58
N SER A 214 1.78 14.63 2.18
CA SER A 214 1.05 15.25 1.06
C SER A 214 1.59 14.88 -0.36
N TRP A 215 2.77 14.27 -0.40
CA TRP A 215 3.47 13.92 -1.63
C TRP A 215 2.86 12.60 -2.13
N VAL A 216 2.62 12.50 -3.44
CA VAL A 216 2.08 11.28 -4.04
C VAL A 216 3.15 10.39 -4.68
N VAL A 217 3.04 9.08 -4.43
CA VAL A 217 4.06 8.15 -4.83
C VAL A 217 3.49 6.98 -5.56
N GLY A 218 4.17 6.58 -6.64
CA GLY A 218 4.03 5.25 -7.19
C GLY A 218 5.34 4.54 -7.03
N ASP A 219 5.31 3.24 -6.70
CA ASP A 219 6.55 2.54 -6.43
C ASP A 219 6.42 1.03 -6.60
N LYS A 220 7.57 0.40 -6.65
CA LYS A 220 7.68 -1.03 -6.56
C LYS A 220 8.79 -1.41 -5.56
N THR A 221 8.40 -2.07 -4.49
CA THR A 221 9.32 -2.65 -3.50
C THR A 221 9.95 -3.94 -3.97
N GLY A 222 10.99 -4.36 -3.27
CA GLY A 222 11.50 -5.68 -3.42
C GLY A 222 12.21 -6.18 -2.17
N SER A 223 12.36 -7.48 -2.07
CA SER A 223 13.08 -8.05 -1.00
C SER A 223 13.59 -9.44 -1.38
N GLY A 224 14.55 -9.92 -0.62
CA GLY A 224 15.11 -11.22 -0.82
C GLY A 224 16.09 -11.62 0.24
N GLY A 225 16.97 -12.57 -0.11
CA GLY A 225 18.05 -13.07 0.73
C GLY A 225 19.08 -12.01 1.07
N TYR A 226 19.80 -12.24 2.13
CA TYR A 226 20.81 -11.30 2.60
C TYR A 226 20.15 -10.00 3.06
N GLY A 227 18.92 -10.11 3.56
CA GLY A 227 18.14 -8.99 3.97
C GLY A 227 18.03 -7.86 2.99
N THR A 228 17.96 -8.19 1.71
CA THR A 228 17.94 -7.20 0.64
C THR A 228 16.59 -6.58 0.73
N THR A 229 16.55 -5.24 0.71
CA THR A 229 15.35 -4.46 0.86
C THR A 229 15.50 -3.28 -0.08
N ASN A 230 14.61 -3.20 -1.07
CA ASN A 230 14.70 -2.29 -2.19
C ASN A 230 13.37 -1.55 -2.37
N ASP A 231 13.44 -0.36 -2.97
CA ASP A 231 12.22 0.32 -3.38
C ASP A 231 12.64 1.20 -4.53
N ILE A 232 11.82 1.27 -5.57
CA ILE A 232 12.03 2.28 -6.61
C ILE A 232 10.73 3.03 -6.83
N ALA A 233 10.82 4.34 -7.04
CA ALA A 233 9.65 5.18 -6.97
C ALA A 233 9.70 6.38 -7.90
N VAL A 234 8.51 6.70 -8.38
CA VAL A 234 8.23 7.96 -8.98
C VAL A 234 7.35 8.74 -8.00
N ILE A 235 7.72 10.00 -7.80
CA ILE A 235 7.21 10.81 -6.70
C ILE A 235 6.73 12.13 -7.25
N TRP A 236 5.51 12.51 -6.92
CA TRP A 236 4.99 13.83 -7.29
C TRP A 236 4.87 14.66 -6.01
N PRO A 237 5.90 15.44 -5.68
CA PRO A 237 5.90 16.23 -4.48
C PRO A 237 4.86 17.34 -4.62
N LYS A 238 4.39 17.78 -3.49
CA LYS A 238 3.43 18.90 -3.43
C LYS A 238 4.11 20.14 -4.07
N ASP A 239 3.57 20.64 -5.18
CA ASP A 239 4.02 21.91 -5.79
C ASP A 239 5.45 21.91 -6.39
N ARG A 240 5.89 20.75 -6.88
CA ARG A 240 7.22 20.62 -7.55
C ARG A 240 7.12 19.61 -8.70
N ALA A 241 8.11 19.62 -9.63
CA ALA A 241 8.17 18.67 -10.76
C ALA A 241 8.50 17.28 -10.19
N PRO A 242 8.10 16.14 -10.78
CA PRO A 242 8.34 14.84 -10.09
C PRO A 242 9.83 14.51 -9.94
N LEU A 243 10.05 13.60 -9.00
CA LEU A 243 11.34 13.01 -8.80
C LEU A 243 11.28 11.52 -9.13
N ILE A 244 12.45 10.97 -9.39
CA ILE A 244 12.62 9.56 -9.48
C ILE A 244 13.61 9.19 -8.37
N LEU A 245 13.33 8.12 -7.60
CA LEU A 245 14.25 7.66 -6.53
C LEU A 245 14.38 6.14 -6.54
N VAL A 246 15.63 5.65 -6.50
CA VAL A 246 15.91 4.25 -6.29
C VAL A 246 16.67 4.16 -4.97
N THR A 247 16.22 3.28 -4.06
CA THR A 247 16.98 3.00 -2.85
C THR A 247 17.13 1.52 -2.76
N TYR A 248 18.37 1.04 -2.80
CA TYR A 248 18.66 -0.40 -2.71
C TYR A 248 19.51 -0.67 -1.45
N PHE A 249 19.32 -1.82 -0.82
CA PHE A 249 20.03 -2.11 0.41
C PHE A 249 20.13 -3.65 0.61
N THR A 250 21.34 -4.10 0.96
CA THR A 250 21.62 -5.52 1.11
C THR A 250 22.63 -5.72 2.28
N GLN A 251 22.72 -6.95 2.79
CA GLN A 251 23.35 -7.19 4.08
C GLN A 251 24.26 -8.37 3.98
N PRO A 252 25.19 -8.51 4.95
CA PRO A 252 26.17 -9.57 4.82
C PRO A 252 25.75 -10.97 5.23
N GLN A 253 24.65 -11.13 5.97
CA GLN A 253 24.24 -12.44 6.47
C GLN A 253 23.09 -12.97 5.62
N PRO A 254 23.13 -14.28 5.24
CA PRO A 254 22.03 -14.76 4.37
C PRO A 254 20.62 -14.62 4.93
N LYS A 255 20.47 -14.67 6.25
CA LYS A 255 19.14 -14.63 6.89
C LYS A 255 18.79 -13.30 7.52
N ALA A 256 19.48 -12.22 7.17
CA ALA A 256 19.23 -10.93 7.81
C ALA A 256 17.77 -10.53 7.64
N GLU A 257 17.26 -9.75 8.56
CA GLU A 257 15.90 -9.20 8.50
C GLU A 257 15.90 -7.96 7.56
N SER A 258 14.73 -7.65 7.06
CA SER A 258 14.58 -6.60 6.10
C SER A 258 14.57 -5.25 6.81
N ARG A 259 14.93 -4.21 6.08
CA ARG A 259 15.20 -2.95 6.72
C ARG A 259 14.61 -1.84 5.92
N ARG A 260 13.28 -1.85 5.85
CA ARG A 260 12.54 -0.84 5.12
C ARG A 260 12.71 0.53 5.73
N ASP A 261 12.90 0.56 7.06
CA ASP A 261 13.27 1.79 7.74
C ASP A 261 14.50 2.53 7.17
N VAL A 262 15.51 1.76 6.81
CA VAL A 262 16.72 2.32 6.16
C VAL A 262 16.34 3.05 4.87
N LEU A 263 15.45 2.45 4.07
CA LEU A 263 15.05 3.09 2.79
C LEU A 263 14.33 4.40 3.06
N ALA A 264 13.38 4.34 4.03
CA ALA A 264 12.67 5.52 4.54
C ALA A 264 13.62 6.69 4.94
N SER A 265 14.58 6.41 5.82
CA SER A 265 15.60 7.35 6.18
C SER A 265 16.37 7.88 4.95
N ALA A 266 16.77 6.97 4.09
CA ALA A 266 17.46 7.38 2.84
C ALA A 266 16.63 8.36 2.11
N ALA A 267 15.31 8.08 2.00
CA ALA A 267 14.40 8.95 1.26
C ALA A 267 14.29 10.34 1.88
N LYS A 268 14.24 10.38 3.19
CA LYS A 268 14.16 11.61 3.91
C LYS A 268 15.43 12.46 3.74
N ILE A 269 16.58 11.81 3.82
CA ILE A 269 17.87 12.53 3.65
C ILE A 269 17.93 13.19 2.30
N VAL A 270 17.60 12.43 1.29
CA VAL A 270 17.80 13.01 -0.04
C VAL A 270 16.71 13.97 -0.44
N THR A 271 15.57 14.03 0.25
CA THR A 271 14.52 14.98 -0.08
C THR A 271 14.44 16.20 0.86
N ASP A 272 15.15 16.20 1.99
CA ASP A 272 15.08 17.30 2.93
C ASP A 272 15.39 18.67 2.33
N GLY A 273 16.41 18.74 1.48
CA GLY A 273 16.69 19.97 0.72
C GLY A 273 18.13 20.08 0.23
N ALA B 14 -2.61 -12.77 28.71
CA ALA B 14 -1.62 -13.82 29.02
C ALA B 14 -0.31 -13.07 29.24
N ASP B 15 0.72 -13.38 28.47
CA ASP B 15 1.80 -12.42 28.25
C ASP B 15 1.40 -11.36 27.27
N VAL B 16 0.36 -11.63 26.48
CA VAL B 16 -0.15 -10.66 25.49
C VAL B 16 -0.49 -9.36 26.21
N GLN B 17 -1.17 -9.47 27.34
CA GLN B 17 -1.50 -8.30 28.11
C GLN B 17 -0.27 -7.52 28.62
N GLN B 18 0.70 -8.20 29.23
CA GLN B 18 1.95 -7.51 29.66
C GLN B 18 2.63 -6.80 28.50
N LYS B 19 2.71 -7.50 27.35
CA LYS B 19 3.37 -6.96 26.20
C LYS B 19 2.68 -5.72 25.63
N LEU B 20 1.35 -5.76 25.56
CA LEU B 20 0.57 -4.61 25.09
C LEU B 20 0.73 -3.47 26.06
N ALA B 21 0.67 -3.76 27.35
CA ALA B 21 0.91 -2.70 28.36
C ALA B 21 2.33 -2.05 28.25
N GLU B 22 3.33 -2.89 28.06
CA GLU B 22 4.72 -2.42 27.83
C GLU B 22 4.81 -1.53 26.61
N LEU B 23 4.18 -1.97 25.51
CA LEU B 23 4.21 -1.21 24.24
C LEU B 23 3.60 0.16 24.44
N GLU B 24 2.48 0.16 25.20
CA GLU B 24 1.71 1.36 25.42
C GLU B 24 2.53 2.38 26.24
N ARG B 25 3.08 1.90 27.35
CA ARG B 25 3.93 2.72 28.22
C ARG B 25 5.09 3.25 27.41
N GLN B 26 5.82 2.35 26.75
CA GLN B 26 7.01 2.81 26.00
C GLN B 26 6.62 3.82 24.92
N SER B 27 5.40 3.73 24.39
CA SER B 27 4.97 4.69 23.36
C SER B 27 4.57 6.13 23.84
N GLY B 28 4.27 6.30 25.12
CA GLY B 28 3.72 7.53 25.61
C GLY B 28 2.25 7.81 25.30
N GLY B 29 1.54 6.87 24.68
CA GLY B 29 0.16 7.10 24.28
C GLY B 29 -0.89 6.22 24.93
N ARG B 30 -2.06 6.20 24.31
CA ARG B 30 -3.17 5.33 24.69
C ARG B 30 -3.39 4.38 23.52
N LEU B 31 -3.31 3.09 23.83
CA LEU B 31 -3.50 2.04 22.82
C LEU B 31 -4.76 1.20 23.01
N GLY B 32 -5.44 0.91 21.89
CA GLY B 32 -6.71 0.18 21.89
C GLY B 32 -6.66 -0.92 20.88
N VAL B 33 -6.87 -2.16 21.30
CA VAL B 33 -6.73 -3.32 20.42
C VAL B 33 -7.92 -4.30 20.59
N ALA B 34 -8.48 -4.73 19.47
CA ALA B 34 -9.39 -5.82 19.43
C ALA B 34 -9.07 -6.76 18.25
N LEU B 35 -8.84 -8.02 18.58
CA LEU B 35 -8.68 -9.07 17.59
C LEU B 35 -9.82 -10.04 17.74
N ILE B 36 -10.46 -10.39 16.61
CA ILE B 36 -11.42 -11.48 16.58
C ILE B 36 -10.78 -12.61 15.76
N ASN B 37 -10.75 -13.83 16.31
CA ASN B 37 -10.25 -15.00 15.57
C ASN B 37 -11.46 -15.80 15.13
N THR B 38 -11.75 -15.81 13.82
CA THR B 38 -12.98 -16.45 13.33
C THR B 38 -12.87 -18.00 13.26
N ALA B 39 -11.71 -18.60 13.53
CA ALA B 39 -11.59 -20.06 13.64
C ALA B 39 -12.43 -20.60 14.80
N ASP B 40 -12.52 -19.82 15.87
CA ASP B 40 -13.19 -20.23 17.11
C ASP B 40 -13.87 -19.09 17.86
N ASN B 41 -13.94 -17.89 17.26
CA ASN B 41 -14.56 -16.73 17.87
C ASN B 41 -13.84 -16.24 19.11
N SER B 42 -12.55 -16.51 19.24
CA SER B 42 -11.78 -16.05 20.40
C SER B 42 -11.39 -14.59 20.20
N GLN B 43 -11.16 -13.88 21.27
CA GLN B 43 -10.76 -12.49 21.18
C GLN B 43 -9.58 -12.13 22.04
N ILE B 44 -8.93 -11.06 21.65
CA ILE B 44 -7.85 -10.46 22.36
C ILE B 44 -8.23 -9.01 22.40
N LEU B 45 -8.31 -8.51 23.61
CA LEU B 45 -8.78 -7.19 23.90
C LEU B 45 -7.86 -6.37 24.78
N TYR B 46 -7.69 -5.09 24.48
CA TYR B 46 -6.90 -4.20 25.29
C TYR B 46 -7.53 -2.79 25.13
N ARG B 47 -8.11 -2.24 26.21
CA ARG B 47 -8.87 -1.01 26.18
C ARG B 47 -9.93 -1.07 25.06
N ALA B 48 -10.45 -2.27 24.88
CA ALA B 48 -11.37 -2.54 23.80
C ALA B 48 -12.70 -1.83 23.89
N ASP B 49 -13.09 -1.38 25.11
CA ASP B 49 -14.35 -0.64 25.26
C ASP B 49 -14.15 0.91 25.44
N GLU B 50 -12.93 1.41 25.24
CA GLU B 50 -12.69 2.84 25.30
C GLU B 50 -12.92 3.41 23.92
N ARG B 51 -13.33 4.65 23.89
CA ARG B 51 -13.50 5.39 22.64
C ARG B 51 -12.18 5.91 22.12
N PHE B 52 -12.03 5.89 20.79
CA PHE B 52 -10.88 6.48 20.12
C PHE B 52 -11.40 7.24 18.90
N PRO B 53 -10.72 8.39 18.54
CA PRO B 53 -11.09 9.00 17.25
C PRO B 53 -10.76 8.07 16.09
N MET B 54 -11.75 7.82 15.26
CA MET B 54 -11.60 6.92 14.12
C MET B 54 -10.72 7.45 12.97
N CYS B 55 -10.74 8.78 12.84
CA CYS B 55 -10.26 9.46 11.72
C CYS B 55 -10.71 8.75 10.44
N SER B 56 -9.79 8.47 9.47
CA SER B 56 -10.18 7.91 8.20
C SER B 56 -10.59 6.43 8.22
N THR B 57 -10.37 5.72 9.33
CA THR B 57 -10.90 4.36 9.45
C THR B 57 -12.48 4.40 9.32
N SER B 58 -13.09 5.60 9.49
CA SER B 58 -14.52 5.84 9.28
C SER B 58 -14.97 5.78 7.84
N LYS B 59 -14.00 5.87 6.93
CA LYS B 59 -14.30 5.77 5.56
C LYS B 59 -14.87 4.40 5.22
N VAL B 60 -14.51 3.38 6.00
CA VAL B 60 -15.07 2.02 5.82
C VAL B 60 -16.60 2.07 6.02
N MET B 61 -17.08 2.72 7.08
CA MET B 61 -18.53 2.70 7.37
C MET B 61 -19.28 3.42 6.23
N ALA B 62 -18.69 4.54 5.73
CA ALA B 62 -19.34 5.34 4.71
C ALA B 62 -19.41 4.66 3.35
N ALA B 63 -18.29 4.12 2.85
CA ALA B 63 -18.32 3.32 1.66
C ALA B 63 -19.30 2.09 1.81
N ALA B 64 -19.35 1.46 2.98
CA ALA B 64 -20.26 0.33 3.18
C ALA B 64 -21.72 0.78 3.11
N ALA B 65 -21.96 1.99 3.64
CA ALA B 65 -23.31 2.59 3.63
C ALA B 65 -23.77 2.83 2.17
N VAL B 66 -22.86 3.23 1.31
CA VAL B 66 -23.18 3.52 -0.08
C VAL B 66 -23.34 2.20 -0.78
N LEU B 67 -22.50 1.21 -0.46
CA LEU B 67 -22.72 -0.20 -0.93
C LEU B 67 -24.13 -0.67 -0.64
N LYS B 68 -24.54 -0.55 0.60
CA LYS B 68 -25.88 -0.91 1.01
C LYS B 68 -26.92 -0.17 0.22
N GLN B 69 -26.76 1.14 0.03
CA GLN B 69 -27.72 1.87 -0.78
C GLN B 69 -27.84 1.25 -2.15
N SER B 70 -26.71 0.85 -2.71
CA SER B 70 -26.66 0.28 -4.06
C SER B 70 -27.34 -1.13 -4.23
N GLU B 71 -27.63 -1.79 -3.11
CA GLU B 71 -28.46 -3.02 -3.12
C GLU B 71 -29.93 -2.76 -3.55
N THR B 72 -30.45 -1.56 -3.31
CA THR B 72 -31.78 -1.17 -3.84
C THR B 72 -31.74 -0.17 -5.00
N GLN B 73 -30.77 0.76 -5.00
CA GLN B 73 -30.56 1.64 -6.17
C GLN B 73 -29.48 0.98 -7.00
N LYS B 74 -29.91 0.17 -7.94
CA LYS B 74 -28.99 -0.81 -8.57
C LYS B 74 -27.90 -0.17 -9.49
N GLN B 75 -28.07 1.09 -9.93
CA GLN B 75 -27.06 1.75 -10.77
C GLN B 75 -26.29 2.83 -10.00
N LEU B 76 -26.46 2.86 -8.66
CA LEU B 76 -25.95 3.95 -7.82
C LEU B 76 -24.45 4.12 -7.98
N LEU B 77 -23.74 2.99 -7.97
CA LEU B 77 -22.28 3.06 -8.05
C LEU B 77 -21.78 3.66 -9.36
N ASN B 78 -22.62 3.78 -10.39
CA ASN B 78 -22.19 4.39 -11.61
C ASN B 78 -22.63 5.81 -11.78
N GLN B 79 -23.37 6.36 -10.81
CA GLN B 79 -23.86 7.75 -10.90
C GLN B 79 -22.67 8.77 -10.89
N PRO B 80 -22.68 9.69 -11.85
CA PRO B 80 -21.60 10.68 -11.85
C PRO B 80 -21.81 11.70 -10.77
N VAL B 81 -20.74 12.14 -10.12
CA VAL B 81 -20.84 13.20 -9.15
C VAL B 81 -19.85 14.28 -9.56
N GLU B 82 -20.31 15.55 -9.61
CA GLU B 82 -19.41 16.69 -9.93
C GLU B 82 -18.43 17.01 -8.80
N ILE B 83 -17.17 17.18 -9.20
CA ILE B 83 -16.13 17.67 -8.33
C ILE B 83 -15.82 19.12 -8.72
N LYS B 84 -16.22 20.07 -7.88
CA LYS B 84 -15.92 21.50 -8.05
C LYS B 84 -14.61 21.88 -7.32
N PRO B 85 -13.98 23.01 -7.74
CA PRO B 85 -12.79 23.52 -7.05
C PRO B 85 -13.04 23.73 -5.58
N ALA B 86 -14.25 24.15 -5.22
CA ALA B 86 -14.57 24.37 -3.81
C ALA B 86 -14.68 23.08 -2.94
N ASP B 87 -14.88 21.92 -3.57
CA ASP B 87 -14.98 20.67 -2.80
C ASP B 87 -13.65 20.16 -2.28
N LEU B 88 -12.56 20.60 -2.90
CA LEU B 88 -11.20 20.14 -2.53
C LEU B 88 -10.90 20.49 -1.06
N VAL B 89 -10.60 19.47 -0.27
CA VAL B 89 -10.33 19.62 1.19
C VAL B 89 -8.83 19.82 1.43
N ASN B 90 -8.22 18.92 2.21
CA ASN B 90 -6.78 19.00 2.53
C ASN B 90 -5.99 17.90 1.80
N TYR B 91 -6.57 16.71 1.68
CA TYR B 91 -5.84 15.61 1.02
C TYR B 91 -6.73 14.92 -0.05
N ASN B 92 -6.38 15.11 -1.32
CA ASN B 92 -7.29 14.90 -2.42
C ASN B 92 -6.49 14.32 -3.61
N PRO B 93 -5.59 13.34 -3.37
CA PRO B 93 -4.80 12.83 -4.50
C PRO B 93 -5.59 12.34 -5.72
N ILE B 94 -6.83 11.89 -5.55
CA ILE B 94 -7.61 11.44 -6.71
C ILE B 94 -8.53 12.53 -7.22
N ALA B 95 -9.32 13.12 -6.33
CA ALA B 95 -10.33 14.14 -6.71
C ALA B 95 -9.75 15.29 -7.51
N GLU B 96 -8.57 15.71 -7.13
CA GLU B 96 -8.03 16.96 -7.74
C GLU B 96 -7.73 16.76 -9.25
N LYS B 97 -7.59 15.50 -9.66
CA LYS B 97 -7.39 15.18 -11.10
C LYS B 97 -8.72 15.27 -11.89
N HIS B 98 -9.87 15.30 -11.22
CA HIS B 98 -11.18 15.38 -11.86
C HIS B 98 -11.92 16.68 -11.51
N VAL B 99 -11.23 17.70 -10.98
CA VAL B 99 -11.93 18.97 -10.65
C VAL B 99 -12.48 19.53 -11.96
N ASN B 100 -13.62 20.25 -11.89
CA ASN B 100 -14.45 20.62 -13.07
C ASN B 100 -14.80 19.41 -13.95
N GLY B 101 -14.82 18.22 -13.35
CA GLY B 101 -15.15 16.98 -14.03
C GLY B 101 -16.09 16.20 -13.13
N THR B 102 -16.21 14.88 -13.32
CA THR B 102 -17.01 14.07 -12.40
C THR B 102 -16.30 12.80 -12.10
N MET B 103 -16.77 12.15 -11.03
CA MET B 103 -16.35 10.81 -10.67
C MET B 103 -17.60 10.03 -10.33
N THR B 104 -17.64 8.75 -10.69
CA THR B 104 -18.71 7.87 -10.24
C THR B 104 -18.58 7.60 -8.72
N LEU B 105 -19.69 7.23 -8.09
CA LEU B 105 -19.67 6.80 -6.70
C LEU B 105 -18.80 5.56 -6.43
N ALA B 106 -18.65 4.62 -7.39
CA ALA B 106 -17.63 3.56 -7.25
C ALA B 106 -16.21 4.14 -7.18
N GLU B 107 -15.93 5.09 -8.06
CA GLU B 107 -14.61 5.73 -8.11
C GLU B 107 -14.30 6.46 -6.83
N LEU B 108 -15.28 7.19 -6.30
CA LEU B 108 -15.14 7.90 -5.04
C LEU B 108 -14.89 7.00 -3.83
N SER B 109 -15.57 5.84 -3.81
CA SER B 109 -15.39 4.85 -2.72
C SER B 109 -13.98 4.28 -2.71
N ALA B 110 -13.54 3.85 -3.90
CA ALA B 110 -12.15 3.36 -4.07
C ALA B 110 -11.11 4.46 -3.69
N ALA B 111 -11.36 5.71 -4.07
CA ALA B 111 -10.49 6.81 -3.79
C ALA B 111 -10.42 7.08 -2.27
N ALA B 112 -11.58 7.21 -1.66
CA ALA B 112 -11.66 7.23 -0.17
C ALA B 112 -10.97 6.06 0.52
N LEU B 113 -11.26 4.85 0.07
CA LEU B 113 -10.72 3.67 0.77
C LEU B 113 -9.24 3.42 0.52
N GLN B 114 -8.83 3.49 -0.73
CA GLN B 114 -7.52 2.95 -1.12
C GLN B 114 -6.43 4.00 -1.13
N TYR B 115 -6.86 5.25 -1.27
CA TYR B 115 -6.01 6.42 -1.28
C TYR B 115 -6.28 7.35 -0.10
N SER B 116 -7.42 7.16 0.58
CA SER B 116 -7.77 8.00 1.77
C SER B 116 -8.16 9.43 1.35
N ASP B 117 -8.52 9.63 0.08
CA ASP B 117 -8.92 10.88 -0.45
C ASP B 117 -10.10 11.47 0.39
N ASN B 118 -9.89 12.68 0.90
CA ASN B 118 -10.85 13.33 1.78
C ASN B 118 -11.99 13.96 1.08
N THR B 119 -11.74 14.43 -0.12
CA THR B 119 -12.82 14.95 -0.97
C THR B 119 -13.78 13.84 -1.30
N ALA B 120 -13.23 12.69 -1.68
CA ALA B 120 -14.04 11.50 -1.96
C ALA B 120 -14.94 11.10 -0.75
N MET B 121 -14.34 11.05 0.45
CA MET B 121 -15.13 10.79 1.64
C MET B 121 -16.29 11.78 1.80
N ASN B 122 -16.02 13.10 1.60
CA ASN B 122 -17.08 14.09 1.63
C ASN B 122 -18.22 13.78 0.66
N LYS B 123 -17.90 13.33 -0.55
CA LYS B 123 -18.97 12.99 -1.45
C LYS B 123 -19.77 11.78 -0.93
N LEU B 124 -19.11 10.81 -0.32
CA LEU B 124 -19.85 9.66 0.20
C LEU B 124 -20.81 10.17 1.33
N ILE B 125 -20.27 11.01 2.20
CA ILE B 125 -21.06 11.58 3.31
C ILE B 125 -22.27 12.39 2.73
N ALA B 126 -22.02 13.21 1.72
CA ALA B 126 -23.15 13.95 1.13
C ALA B 126 -24.24 13.01 0.52
N GLN B 127 -23.82 11.95 -0.18
CA GLN B 127 -24.75 10.92 -0.70
C GLN B 127 -25.62 10.29 0.41
N LEU B 128 -25.06 10.13 1.59
CA LEU B 128 -25.81 9.57 2.67
C LEU B 128 -26.64 10.61 3.44
N GLY B 129 -26.69 11.86 2.97
CA GLY B 129 -27.41 12.91 3.66
C GLY B 129 -26.74 13.57 4.85
N GLY B 130 -25.43 13.36 5.05
CA GLY B 130 -24.70 13.97 6.18
C GLY B 130 -24.10 12.93 7.07
N PRO B 131 -23.25 13.34 8.01
CA PRO B 131 -22.68 12.38 8.93
C PRO B 131 -23.68 11.51 9.65
N GLY B 132 -24.84 12.09 9.97
CA GLY B 132 -26.02 11.37 10.46
C GLY B 132 -26.39 10.13 9.68
N GLY B 133 -26.24 10.16 8.36
CA GLY B 133 -26.62 9.04 7.51
C GLY B 133 -25.65 7.90 7.67
N VAL B 134 -24.37 8.23 7.88
CA VAL B 134 -23.41 7.19 8.09
C VAL B 134 -23.69 6.53 9.42
N THR B 135 -23.97 7.33 10.42
CA THR B 135 -24.37 6.81 11.72
C THR B 135 -25.63 6.00 11.64
N ALA B 136 -26.61 6.46 10.87
CA ALA B 136 -27.81 5.65 10.68
C ALA B 136 -27.55 4.23 10.14
N PHE B 137 -26.59 4.08 9.22
CA PHE B 137 -26.25 2.78 8.66
C PHE B 137 -25.58 1.98 9.69
N ALA B 138 -24.63 2.58 10.45
CA ALA B 138 -24.06 1.85 11.59
C ALA B 138 -25.14 1.19 12.42
N ARG B 139 -26.13 2.00 12.81
CA ARG B 139 -27.24 1.51 13.62
C ARG B 139 -28.04 0.45 12.92
N ALA B 140 -28.26 0.57 11.60
CA ALA B 140 -28.96 -0.48 10.86
C ALA B 140 -28.26 -1.85 10.83
N ILE B 141 -26.94 -1.92 10.97
CA ILE B 141 -26.26 -3.22 11.01
C ILE B 141 -25.89 -3.63 12.46
N GLY B 142 -26.52 -3.00 13.45
CA GLY B 142 -26.33 -3.37 14.85
C GLY B 142 -25.13 -2.80 15.56
N ASP B 143 -24.52 -1.75 15.02
CA ASP B 143 -23.49 -1.01 15.70
C ASP B 143 -24.07 0.22 16.38
N GLU B 144 -24.10 0.15 17.70
CA GLU B 144 -24.71 1.12 18.60
C GLU B 144 -23.67 2.02 19.23
N THR B 145 -22.39 1.84 18.85
CA THR B 145 -21.28 2.58 19.40
C THR B 145 -20.76 3.64 18.46
N PHE B 146 -20.55 3.26 17.18
CA PHE B 146 -20.09 4.20 16.15
C PHE B 146 -20.84 5.55 16.14
N ARG B 147 -20.11 6.64 16.00
CA ARG B 147 -20.75 7.93 15.68
C ARG B 147 -19.96 8.81 14.77
N LEU B 148 -20.54 9.17 13.64
CA LEU B 148 -19.97 10.19 12.80
C LEU B 148 -20.80 11.45 12.97
N ASP B 149 -20.10 12.53 13.27
CA ASP B 149 -20.68 13.83 13.57
C ASP B 149 -20.23 14.93 12.63
N ARG B 150 -19.04 14.80 12.01
CA ARG B 150 -18.44 15.86 11.16
C ARG B 150 -17.94 15.36 9.76
N THR B 151 -17.79 16.31 8.85
CA THR B 151 -17.21 16.08 7.52
C THR B 151 -15.65 16.12 7.60
N GLU B 152 -14.98 15.71 6.52
CA GLU B 152 -13.52 15.94 6.36
C GLU B 152 -13.29 17.47 6.14
N PRO B 153 -12.28 18.07 6.79
CA PRO B 153 -11.22 17.42 7.56
C PRO B 153 -11.43 17.48 9.07
N THR B 154 -12.49 18.11 9.56
CA THR B 154 -12.59 18.35 11.00
C THR B 154 -12.92 17.08 11.82
N LEU B 155 -13.47 16.07 11.17
CA LEU B 155 -13.64 14.76 11.90
C LEU B 155 -12.35 14.18 12.48
N ASN B 156 -11.21 14.61 11.95
CA ASN B 156 -9.91 14.15 12.39
C ASN B 156 -9.25 14.97 13.52
N THR B 157 -9.96 15.89 14.18
CA THR B 157 -9.36 16.69 15.29
C THR B 157 -8.77 15.87 16.45
N ALA B 158 -9.43 14.75 16.78
CA ALA B 158 -8.91 13.76 17.75
C ALA B 158 -8.67 14.30 19.19
N ILE B 159 -9.49 15.25 19.62
CA ILE B 159 -9.25 15.95 20.88
C ILE B 159 -9.57 14.99 22.04
N PRO B 160 -8.66 14.86 23.03
CA PRO B 160 -8.98 13.97 24.12
C PRO B 160 -10.25 14.37 24.82
N GLY B 161 -11.02 13.38 25.23
CA GLY B 161 -12.31 13.59 25.85
C GLY B 161 -13.45 13.90 24.88
N ASP B 162 -13.18 14.17 23.62
CA ASP B 162 -14.24 14.48 22.67
C ASP B 162 -14.88 13.19 22.13
N PRO B 163 -16.21 13.04 22.32
CA PRO B 163 -16.85 11.85 21.83
C PRO B 163 -17.14 11.88 20.30
N ARG B 164 -17.08 13.03 19.66
CA ARG B 164 -17.39 13.11 18.24
C ARG B 164 -16.48 12.19 17.41
N ASP B 165 -17.09 11.47 16.49
CA ASP B 165 -16.37 10.73 15.46
C ASP B 165 -15.53 9.66 16.09
N THR B 166 -16.12 9.01 17.10
CA THR B 166 -15.42 7.95 17.88
C THR B 166 -16.10 6.59 17.76
N THR B 167 -15.34 5.56 18.00
CA THR B 167 -15.96 4.25 18.31
C THR B 167 -14.99 3.51 19.15
N THR B 168 -15.26 2.24 19.45
CA THR B 168 -14.37 1.47 20.31
C THR B 168 -13.72 0.36 19.54
N PRO B 169 -12.58 -0.11 19.97
CA PRO B 169 -12.06 -1.24 19.21
C PRO B 169 -12.97 -2.42 19.10
N ARG B 170 -13.66 -2.77 20.20
CA ARG B 170 -14.50 -3.98 20.14
C ARG B 170 -15.66 -3.81 19.08
N ALA B 171 -16.35 -2.68 19.12
CA ALA B 171 -17.46 -2.38 18.23
C ALA B 171 -16.99 -2.35 16.77
N MET B 172 -15.83 -1.74 16.53
CA MET B 172 -15.34 -1.61 15.14
C MET B 172 -14.89 -2.95 14.60
N ALA B 173 -14.29 -3.80 15.44
CA ALA B 173 -13.91 -5.17 15.00
C ALA B 173 -15.12 -6.00 14.65
N GLN B 174 -16.12 -5.98 15.56
CA GLN B 174 -17.40 -6.65 15.30
C GLN B 174 -18.05 -6.14 14.01
N THR B 175 -18.14 -4.83 13.85
CA THR B 175 -18.70 -4.27 12.65
C THR B 175 -17.89 -4.66 11.39
N LEU B 176 -16.58 -4.57 11.46
CA LEU B 176 -15.75 -4.92 10.29
C LEU B 176 -15.93 -6.44 9.96
N ARG B 177 -16.12 -7.27 10.96
CA ARG B 177 -16.40 -8.66 10.72
C ARG B 177 -17.73 -8.86 9.97
N GLN B 178 -18.79 -8.20 10.39
CA GLN B 178 -20.09 -8.34 9.73
C GLN B 178 -20.05 -7.87 8.27
N LEU B 179 -19.26 -6.82 8.02
CA LEU B 179 -19.19 -6.17 6.73
C LEU B 179 -18.38 -6.97 5.72
N THR B 180 -17.28 -7.56 6.21
CA THR B 180 -16.32 -8.21 5.36
C THR B 180 -16.49 -9.72 5.29
N LEU B 181 -16.89 -10.36 6.39
CA LEU B 181 -17.02 -11.84 6.40
C LEU B 181 -18.44 -12.29 6.70
N GLY B 182 -19.31 -11.36 7.09
CA GLY B 182 -20.62 -11.63 7.72
C GLY B 182 -21.65 -11.21 6.70
N HIS B 183 -22.86 -10.91 7.14
CA HIS B 183 -23.96 -10.65 6.24
C HIS B 183 -24.57 -9.26 6.38
N ALA B 184 -23.79 -8.27 6.84
CA ALA B 184 -24.30 -6.90 6.84
C ALA B 184 -24.65 -6.36 5.42
N LEU B 185 -23.88 -6.82 4.43
CA LEU B 185 -24.04 -6.46 3.03
C LEU B 185 -24.42 -7.69 2.24
N GLY B 186 -25.13 -7.46 1.15
CA GLY B 186 -25.31 -8.45 0.13
C GLY B 186 -23.97 -8.92 -0.40
N GLU B 187 -23.98 -10.14 -0.93
CA GLU B 187 -22.76 -10.86 -1.33
C GLU B 187 -21.90 -10.10 -2.32
N THR B 188 -22.47 -9.58 -3.39
CA THR B 188 -21.68 -8.76 -4.32
C THR B 188 -21.01 -7.57 -3.63
N GLN B 189 -21.73 -6.96 -2.70
CA GLN B 189 -21.31 -5.72 -2.06
C GLN B 189 -20.22 -6.10 -1.05
N ARG B 190 -20.39 -7.23 -0.37
CA ARG B 190 -19.38 -7.70 0.57
C ARG B 190 -18.08 -8.01 -0.17
N ALA B 191 -18.20 -8.54 -1.39
CA ALA B 191 -17.01 -8.87 -2.23
C ALA B 191 -16.34 -7.58 -2.70
N GLN B 192 -17.18 -6.62 -3.09
CA GLN B 192 -16.66 -5.34 -3.55
C GLN B 192 -15.86 -4.66 -2.44
N LEU B 193 -16.42 -4.58 -1.22
CA LEU B 193 -15.68 -3.96 -0.10
C LEU B 193 -14.32 -4.59 0.16
N VAL B 194 -14.30 -5.94 0.22
CA VAL B 194 -13.07 -6.71 0.45
C VAL B 194 -12.04 -6.46 -0.70
N THR B 195 -12.50 -6.46 -1.93
CA THR B 195 -11.67 -6.09 -3.07
C THR B 195 -11.09 -4.67 -2.86
N TRP B 196 -11.92 -3.71 -2.48
CA TRP B 196 -11.34 -2.36 -2.24
C TRP B 196 -10.32 -2.34 -1.11
N LEU B 197 -10.68 -2.95 0.03
CA LEU B 197 -9.74 -3.01 1.19
C LEU B 197 -8.40 -3.71 0.86
N LYS B 198 -8.46 -4.83 0.14
CA LYS B 198 -7.25 -5.57 -0.22
C LYS B 198 -6.33 -4.73 -1.16
N GLY B 199 -6.88 -3.70 -1.77
CA GLY B 199 -6.10 -2.87 -2.64
C GLY B 199 -5.70 -1.56 -2.07
N ASN B 200 -5.79 -1.42 -0.74
CA ASN B 200 -5.36 -0.24 -0.05
C ASN B 200 -3.88 0.00 -0.38
N THR B 201 -3.54 1.27 -0.60
CA THR B 201 -2.17 1.60 -0.87
C THR B 201 -1.39 2.10 0.32
N THR B 202 -2.05 2.33 1.48
CA THR B 202 -1.48 3.03 2.62
C THR B 202 -1.12 2.18 3.82
N GLY B 203 -1.31 0.88 3.77
CA GLY B 203 -1.21 0.06 4.95
C GLY B 203 0.06 -0.69 5.30
N ALA B 204 1.10 -0.64 4.46
CA ALA B 204 2.24 -1.54 4.67
C ALA B 204 3.04 -1.32 5.92
N ALA B 205 3.04 -0.09 6.47
CA ALA B 205 3.77 0.24 7.69
C ALA B 205 2.99 -0.02 8.99
N SER B 206 1.73 -0.49 8.89
CA SER B 206 0.82 -0.51 10.03
C SER B 206 0.60 -1.97 10.41
N ILE B 207 -0.65 -2.41 10.58
CA ILE B 207 -0.92 -3.78 10.91
C ILE B 207 -0.09 -4.77 10.08
N ARG B 208 -0.09 -4.63 8.74
CA ARG B 208 0.65 -5.50 7.80
C ARG B 208 2.13 -5.69 8.20
N ALA B 209 2.78 -4.60 8.57
CA ALA B 209 4.19 -4.65 8.98
C ALA B 209 4.45 -5.64 10.13
N GLY B 210 3.43 -5.96 10.93
CA GLY B 210 3.63 -6.80 12.07
C GLY B 210 3.34 -8.26 11.81
N LEU B 211 2.89 -8.62 10.58
CA LEU B 211 2.42 -9.96 10.26
C LEU B 211 3.41 -10.68 9.37
N PRO B 212 3.38 -12.03 9.38
CA PRO B 212 4.13 -12.81 8.40
C PRO B 212 3.83 -12.33 6.98
N ALA B 213 4.90 -12.08 6.21
CA ALA B 213 4.82 -11.71 4.80
C ALA B 213 3.87 -12.52 3.97
N SER B 214 3.64 -13.79 4.30
CA SER B 214 2.74 -14.66 3.52
C SER B 214 1.24 -14.40 3.72
N TRP B 215 0.86 -13.79 4.84
CA TRP B 215 -0.54 -13.51 5.17
C TRP B 215 -1.14 -12.40 4.28
N VAL B 216 -2.40 -12.50 3.91
CA VAL B 216 -3.00 -11.51 3.01
C VAL B 216 -3.90 -10.60 3.85
N VAL B 217 -3.85 -9.29 3.57
CA VAL B 217 -4.51 -8.27 4.40
C VAL B 217 -5.27 -7.30 3.53
N GLY B 218 -6.48 -6.99 3.98
CA GLY B 218 -7.15 -5.76 3.57
C GLY B 218 -7.33 -4.86 4.78
N ASP B 219 -7.02 -3.58 4.63
CA ASP B 219 -7.14 -2.68 5.82
C ASP B 219 -7.23 -1.22 5.40
N LYS B 220 -7.82 -0.42 6.28
CA LYS B 220 -8.00 1.02 6.13
C LYS B 220 -7.30 1.72 7.28
N THR B 221 -6.36 2.60 6.91
CA THR B 221 -5.63 3.36 7.93
C THR B 221 -6.39 4.61 8.28
N GLY B 222 -5.94 5.23 9.36
CA GLY B 222 -6.31 6.62 9.60
C GLY B 222 -5.29 7.33 10.45
N SER B 223 -5.28 8.65 10.31
CA SER B 223 -4.55 9.49 11.21
C SER B 223 -5.15 10.90 11.37
N GLY B 224 -4.79 11.59 12.42
CA GLY B 224 -5.28 12.91 12.67
C GLY B 224 -4.48 13.52 13.76
N GLY B 225 -5.12 14.44 14.49
CA GLY B 225 -4.57 15.14 15.61
C GLY B 225 -4.12 14.33 16.82
N TYR B 226 -3.28 14.94 17.62
CA TYR B 226 -2.71 14.34 18.79
C TYR B 226 -2.05 13.04 18.39
N GLY B 227 -1.40 13.05 17.22
CA GLY B 227 -0.67 11.88 16.68
C GLY B 227 -1.49 10.59 16.63
N THR B 228 -2.77 10.74 16.35
CA THR B 228 -3.67 9.66 16.25
C THR B 228 -3.28 8.82 15.04
N THR B 229 -3.07 7.52 15.29
CA THR B 229 -2.58 6.58 14.32
C THR B 229 -3.36 5.29 14.44
N ASN B 230 -4.17 5.00 13.41
CA ASN B 230 -5.15 3.93 13.40
C ASN B 230 -5.00 2.95 12.23
N ASP B 231 -5.46 1.72 12.44
CA ASP B 231 -5.62 0.77 11.36
C ASP B 231 -6.70 -0.26 11.72
N ILE B 232 -7.54 -0.60 10.75
CA ILE B 232 -8.47 -1.70 10.91
C ILE B 232 -8.27 -2.64 9.76
N ALA B 233 -8.26 -3.96 10.05
CA ALA B 233 -7.87 -4.95 9.03
C ALA B 233 -8.68 -6.20 9.08
N VAL B 234 -8.94 -6.77 7.92
CA VAL B 234 -9.32 -8.18 7.85
C VAL B 234 -8.09 -8.90 7.28
N ILE B 235 -7.81 -10.07 7.85
CA ILE B 235 -6.55 -10.77 7.67
C ILE B 235 -6.82 -12.24 7.36
N TRP B 236 -6.21 -12.75 6.29
CA TRP B 236 -6.34 -14.16 5.91
C TRP B 236 -4.97 -14.73 6.11
N PRO B 237 -4.75 -15.36 7.28
CA PRO B 237 -3.45 -15.96 7.52
C PRO B 237 -3.21 -17.12 6.59
N LYS B 238 -1.93 -17.37 6.30
CA LYS B 238 -1.52 -18.52 5.54
C LYS B 238 -2.03 -19.74 6.29
N ASP B 239 -2.93 -20.46 5.63
CA ASP B 239 -3.47 -21.73 6.16
C ASP B 239 -4.36 -21.62 7.41
N ARG B 240 -4.94 -20.43 7.66
CA ARG B 240 -5.93 -20.29 8.78
C ARG B 240 -7.22 -19.54 8.39
N ALA B 241 -8.26 -19.70 9.22
CA ALA B 241 -9.47 -18.87 9.14
C ALA B 241 -9.12 -17.40 9.40
N PRO B 242 -9.85 -16.49 8.75
CA PRO B 242 -9.48 -15.07 8.88
C PRO B 242 -9.60 -14.46 10.27
N LEU B 243 -8.78 -13.44 10.48
CA LEU B 243 -8.82 -12.64 11.69
C LEU B 243 -9.35 -11.27 11.33
N ILE B 244 -9.95 -10.59 12.32
CA ILE B 244 -10.20 -9.17 12.25
C ILE B 244 -9.34 -8.53 13.33
N LEU B 245 -8.64 -7.43 13.00
CA LEU B 245 -7.87 -6.67 13.96
C LEU B 245 -8.10 -5.16 13.85
N VAL B 246 -8.37 -4.54 15.00
CA VAL B 246 -8.48 -3.06 15.13
C VAL B 246 -7.39 -2.63 16.10
N THR B 247 -6.53 -1.71 15.64
CA THR B 247 -5.45 -1.16 16.45
C THR B 247 -5.62 0.36 16.37
N TYR B 248 -5.89 0.96 17.51
CA TYR B 248 -6.11 2.41 17.59
C TYR B 248 -5.09 2.99 18.53
N PHE B 249 -4.64 4.22 18.25
CA PHE B 249 -3.58 4.83 19.03
C PHE B 249 -3.65 6.35 18.98
N THR B 250 -3.53 6.95 20.14
CA THR B 250 -3.56 8.40 20.23
C THR B 250 -2.66 8.78 21.35
N GLN B 251 -2.28 10.05 21.36
CA GLN B 251 -1.18 10.58 22.14
C GLN B 251 -1.55 11.91 22.79
N PRO B 252 -0.82 12.28 23.85
CA PRO B 252 -1.22 13.44 24.62
C PRO B 252 -0.86 14.81 24.01
N GLN B 253 0.06 14.90 23.06
CA GLN B 253 0.42 16.23 22.55
C GLN B 253 -0.37 16.53 21.28
N PRO B 254 -0.87 17.76 21.17
CA PRO B 254 -1.58 18.26 20.00
C PRO B 254 -0.95 17.94 18.62
N LYS B 255 0.37 18.00 18.54
CA LYS B 255 1.06 17.80 17.27
C LYS B 255 2.05 16.65 17.37
N ALA B 256 1.70 15.61 18.13
CA ALA B 256 2.52 14.38 18.10
C ALA B 256 2.68 13.85 16.65
N GLU B 257 3.82 13.25 16.37
CA GLU B 257 4.11 12.54 15.10
C GLU B 257 3.30 11.21 15.13
N SER B 258 2.91 10.74 13.96
CA SER B 258 2.31 9.43 13.76
C SER B 258 3.17 8.32 14.29
N ARG B 259 2.54 7.19 14.62
CA ARG B 259 3.25 6.02 15.12
C ARG B 259 2.67 4.74 14.50
N ARG B 260 2.97 4.50 13.23
CA ARG B 260 2.45 3.32 12.56
C ARG B 260 3.17 2.05 13.07
N ASP B 261 4.42 2.22 13.51
CA ASP B 261 5.18 1.13 14.12
C ASP B 261 4.53 0.59 15.41
N VAL B 262 3.90 1.44 16.20
CA VAL B 262 3.15 0.94 17.37
C VAL B 262 2.08 -0.05 16.96
N LEU B 263 1.38 0.26 15.87
CA LEU B 263 0.33 -0.62 15.38
C LEU B 263 0.91 -1.94 14.95
N ALA B 264 2.01 -1.88 14.19
CA ALA B 264 2.71 -3.06 13.75
C ALA B 264 3.15 -3.90 14.93
N SER B 265 3.78 -3.24 15.92
CA SER B 265 4.16 -3.95 17.15
C SER B 265 2.94 -4.63 17.80
N ALA B 266 1.86 -3.89 17.87
CA ALA B 266 0.63 -4.48 18.45
C ALA B 266 0.13 -5.70 17.66
N ALA B 267 0.15 -5.63 16.32
CA ALA B 267 -0.27 -6.76 15.51
C ALA B 267 0.67 -7.97 15.66
N LYS B 268 1.99 -7.73 15.79
CA LYS B 268 2.92 -8.84 15.96
C LYS B 268 2.60 -9.55 17.24
N ILE B 269 2.48 -8.75 18.29
CA ILE B 269 2.22 -9.28 19.63
C ILE B 269 0.97 -10.14 19.64
N VAL B 270 -0.13 -9.64 19.07
CA VAL B 270 -1.39 -10.39 19.23
C VAL B 270 -1.53 -11.61 18.32
N THR B 271 -0.68 -11.71 17.30
CA THR B 271 -0.74 -12.82 16.39
C THR B 271 0.39 -13.85 16.57
N ASP B 272 1.35 -13.62 17.46
CA ASP B 272 2.40 -14.62 17.67
C ASP B 272 1.91 -15.97 18.24
N GLY B 273 0.91 -15.94 19.13
CA GLY B 273 0.44 -17.13 19.85
C GLY B 273 0.37 -18.47 19.12
#